data_8PJF
#
_entry.id   8PJF
#
_cell.length_a   91.350
_cell.length_b   134.430
_cell.length_c   40.250
_cell.angle_alpha   90.000
_cell.angle_beta   90.000
_cell.angle_gamma   90.000
#
_symmetry.space_group_name_H-M   'P 21 21 2'
#
loop_
_entity.id
_entity.type
_entity.pdbx_description
1 polymer 'HLA class II histocompatibility antigen, DR alpha chain'
2 polymer 'HLA class II histocompatibility antigen, DRB1 beta chain'
3 polymer 'Hemagglutinin HA2 chain'
4 non-polymer 'SULFATE ION'
5 non-polymer 1,2-ETHANEDIOL
6 water water
#
loop_
_entity_poly.entity_id
_entity_poly.type
_entity_poly.pdbx_seq_one_letter_code
_entity_poly.pdbx_strand_id
1 'polypeptide(L)'
;MGSMIKEEHVIIQAEFYLNPDQSGEFMFDFDGDEIFHVDMAKKETVWRLEEFGRFASFEAQGALANIAVDKANLEIMTKR
SNYTPITNVPPEVTVLTNSPVELREPNVLICFIDKFTPPVVNVTWLRNGKPVTTGVSETVFLPREDHLFRKFHYLPFLPS
TEDVYDCRVEHWGLDEPLLKHWEFDA
;
A
2 'polypeptide(L)'
;MGSMGDTRPRFLWQLKFECHFFNGTERVRLLERCIYNQEESVRFDSDVGEYRAVTELGRPDAEYWNSQKDLLEQRRAAVD
TYCRHNYGVGESFTVQRRVEPKVTVYPSKTQPLQHHNLLVCSVSGFYPGSIEVRWFRNGQEEKAGVVSTGLIQNGDWTFQ
TLVMLETVPRSGEVYTCQVEHPSVTSPLTVEWRA
;
B
3 'polypeptide(L)' PKYVKQNTLKLAR C
#
# COMPACT_ATOMS: atom_id res chain seq x y z
N LYS A 6 -7.41 17.29 -8.01
CA LYS A 6 -8.41 17.09 -6.95
C LYS A 6 -9.09 15.74 -7.10
N GLU A 7 -8.34 14.66 -7.33
CA GLU A 7 -8.96 13.36 -7.61
C GLU A 7 -9.59 12.77 -6.36
N GLU A 8 -10.64 12.00 -6.59
CA GLU A 8 -11.29 11.31 -5.50
C GLU A 8 -10.72 9.91 -5.39
N HIS A 9 -10.38 9.26 -6.51
CA HIS A 9 -10.02 7.85 -6.41
C HIS A 9 -9.13 7.40 -7.57
N VAL A 10 -8.36 6.35 -7.34
CA VAL A 10 -7.46 5.83 -8.34
C VAL A 10 -7.48 4.32 -8.27
N ILE A 11 -7.69 3.64 -9.41
CA ILE A 11 -7.58 2.20 -9.52
C ILE A 11 -6.35 1.91 -10.39
N ILE A 12 -5.46 1.04 -9.93
CA ILE A 12 -4.24 0.73 -10.69
C ILE A 12 -4.16 -0.77 -10.93
N GLN A 13 -3.98 -1.15 -12.17
CA GLN A 13 -3.59 -2.50 -12.52
C GLN A 13 -2.08 -2.46 -12.62
N ALA A 14 -1.39 -3.17 -11.74
CA ALA A 14 0.06 -3.14 -11.67
C ALA A 14 0.58 -4.53 -11.90
N GLU A 15 1.57 -4.63 -12.78
CA GLU A 15 2.21 -5.90 -13.10
C GLU A 15 3.71 -5.71 -13.11
N PHE A 16 4.41 -6.81 -12.84
CA PHE A 16 5.86 -6.75 -13.03
C PHE A 16 6.38 -8.12 -13.41
N TYR A 17 7.54 -8.10 -14.08
CA TYR A 17 8.35 -9.31 -14.25
C TYR A 17 9.79 -8.96 -13.90
N LEU A 18 10.48 -9.90 -13.22
CA LEU A 18 11.82 -9.69 -12.70
C LEU A 18 12.69 -10.86 -13.11
N ASN A 19 13.82 -10.55 -13.77
CA ASN A 19 14.83 -11.54 -14.08
C ASN A 19 16.09 -11.24 -13.29
N PRO A 20 16.89 -12.26 -12.95
CA PRO A 20 16.80 -13.66 -13.39
C PRO A 20 15.88 -14.51 -12.49
N ASP A 21 15.20 -13.86 -11.55
CA ASP A 21 14.37 -14.59 -10.59
C ASP A 21 13.22 -15.28 -11.27
N GLN A 22 12.80 -14.79 -12.45
CA GLN A 22 11.65 -15.33 -13.15
C GLN A 22 10.39 -15.21 -12.28
N SER A 23 10.19 -14.01 -11.75
CA SER A 23 9.10 -13.75 -10.83
CA SER A 23 9.08 -13.76 -10.84
C SER A 23 8.16 -12.71 -11.44
N GLY A 24 6.88 -13.01 -11.46
CA GLY A 24 5.92 -12.05 -11.98
C GLY A 24 4.85 -11.76 -10.95
N GLU A 25 4.14 -10.67 -11.16
CA GLU A 25 3.03 -10.31 -10.27
C GLU A 25 2.00 -9.55 -11.09
N PHE A 26 0.73 -9.74 -10.73
CA PHE A 26 -0.38 -9.00 -11.36
C PHE A 26 -1.38 -8.70 -10.27
N MET A 27 -1.69 -7.42 -10.09
CA MET A 27 -2.62 -7.05 -9.02
CA MET A 27 -2.64 -7.07 -9.05
C MET A 27 -3.40 -5.81 -9.43
N PHE A 28 -4.53 -5.61 -8.76
CA PHE A 28 -5.27 -4.37 -8.86
C PHE A 28 -5.29 -3.72 -7.48
N ASP A 29 -5.19 -2.38 -7.46
CA ASP A 29 -5.10 -1.55 -6.25
C ASP A 29 -6.20 -0.49 -6.36
N PHE A 30 -6.82 -0.14 -5.23
CA PHE A 30 -7.77 0.95 -5.17
C PHE A 30 -7.32 1.87 -4.03
N ASP A 31 -6.99 3.13 -4.34
CA ASP A 31 -6.53 4.08 -3.33
C ASP A 31 -5.44 3.47 -2.43
N GLY A 32 -4.58 2.66 -3.02
CA GLY A 32 -3.45 2.14 -2.27
C GLY A 32 -3.72 0.85 -1.52
N ASP A 33 -4.94 0.31 -1.58
CA ASP A 33 -5.19 -1.01 -1.02
C ASP A 33 -5.42 -2.03 -2.11
N GLU A 34 -4.89 -3.24 -1.91
CA GLU A 34 -5.01 -4.28 -2.93
C GLU A 34 -6.45 -4.79 -3.02
N ILE A 35 -6.99 -4.87 -4.24
CA ILE A 35 -8.27 -5.57 -4.44
C ILE A 35 -8.04 -7.08 -4.58
N PHE A 36 -7.15 -7.45 -5.48
CA PHE A 36 -6.81 -8.84 -5.69
C PHE A 36 -5.44 -8.90 -6.36
N HIS A 37 -4.85 -10.10 -6.33
CA HIS A 37 -3.73 -10.41 -7.18
C HIS A 37 -3.97 -11.78 -7.76
N VAL A 38 -3.19 -12.14 -8.77
CA VAL A 38 -3.28 -13.48 -9.34
C VAL A 38 -2.11 -14.31 -8.83
N ASP A 39 -2.40 -15.47 -8.23
CA ASP A 39 -1.39 -16.41 -7.79
C ASP A 39 -0.83 -17.07 -9.04
N MET A 40 0.46 -16.81 -9.30
CA MET A 40 1.12 -17.27 -10.53
C MET A 40 1.28 -18.79 -10.53
N ALA A 41 1.41 -19.41 -9.35
CA ALA A 41 1.64 -20.84 -9.27
C ALA A 41 0.32 -21.60 -9.35
N LYS A 42 -0.67 -21.14 -8.57
CA LYS A 42 -1.96 -21.79 -8.57
C LYS A 42 -2.81 -21.27 -9.72
N LYS A 43 -2.41 -20.15 -10.32
CA LYS A 43 -3.10 -19.59 -11.46
C LYS A 43 -4.54 -19.26 -11.10
N GLU A 44 -4.72 -18.54 -10.01
CA GLU A 44 -6.08 -18.19 -9.62
C GLU A 44 -6.12 -16.81 -9.05
N THR A 45 -7.30 -16.22 -9.04
CA THR A 45 -7.47 -14.90 -8.45
C THR A 45 -7.57 -15.02 -6.93
N VAL A 46 -6.78 -14.21 -6.21
CA VAL A 46 -6.74 -14.19 -4.75
C VAL A 46 -7.21 -12.83 -4.29
N TRP A 47 -8.39 -12.79 -3.65
CA TRP A 47 -9.02 -11.55 -3.22
C TRP A 47 -8.44 -11.13 -1.88
N ARG A 48 -8.21 -9.82 -1.73
CA ARG A 48 -7.48 -9.37 -0.54
C ARG A 48 -8.34 -9.52 0.72
N LEU A 49 -9.63 -9.21 0.61
CA LEU A 49 -10.62 -9.52 1.62
C LEU A 49 -11.51 -10.60 1.00
N GLU A 50 -11.76 -11.66 1.74
CA GLU A 50 -12.49 -12.82 1.23
C GLU A 50 -13.81 -12.41 0.57
N GLU A 51 -14.52 -11.45 1.16
CA GLU A 51 -15.84 -11.17 0.62
C GLU A 51 -15.79 -10.58 -0.77
N PHE A 52 -14.65 -10.01 -1.18
CA PHE A 52 -14.63 -9.40 -2.50
C PHE A 52 -14.92 -10.45 -3.55
N GLY A 53 -14.45 -11.70 -3.33
CA GLY A 53 -14.71 -12.79 -4.26
C GLY A 53 -16.16 -13.19 -4.34
N ARG A 54 -17.01 -12.73 -3.40
CA ARG A 54 -18.42 -12.97 -3.54
C ARG A 54 -19.11 -11.82 -4.28
N PHE A 55 -18.37 -10.71 -4.49
CA PHE A 55 -18.95 -9.51 -5.09
C PHE A 55 -18.47 -9.25 -6.52
N ALA A 56 -17.39 -9.86 -6.93
CA ALA A 56 -16.82 -9.54 -8.25
C ALA A 56 -16.02 -10.75 -8.71
N SER A 57 -15.65 -10.72 -9.98
CA SER A 57 -14.88 -11.82 -10.57
C SER A 57 -13.72 -11.22 -11.36
N PHE A 58 -12.71 -12.05 -11.59
CA PHE A 58 -11.63 -11.68 -12.52
C PHE A 58 -11.07 -12.95 -13.15
N GLU A 59 -11.00 -13.02 -14.47
CA GLU A 59 -10.47 -14.20 -15.19
C GLU A 59 -8.96 -14.22 -15.04
N ALA A 60 -8.43 -15.11 -14.19
CA ALA A 60 -6.99 -15.12 -13.92
C ALA A 60 -6.14 -15.43 -15.16
N GLN A 61 -6.70 -16.15 -16.14
CA GLN A 61 -5.87 -16.51 -17.31
C GLN A 61 -5.49 -15.28 -18.10
N GLY A 62 -6.29 -14.21 -18.02
CA GLY A 62 -5.89 -12.96 -18.63
C GLY A 62 -4.63 -12.39 -18.02
N ALA A 63 -4.48 -12.52 -16.70
CA ALA A 63 -3.26 -12.05 -16.06
C ALA A 63 -2.09 -12.89 -16.52
N LEU A 64 -2.26 -14.22 -16.62
CA LEU A 64 -1.13 -15.03 -17.07
C LEU A 64 -0.70 -14.65 -18.49
N ALA A 65 -1.67 -14.33 -19.35
CA ALA A 65 -1.31 -13.95 -20.72
C ALA A 65 -0.53 -12.63 -20.71
N ASN A 66 -0.96 -11.67 -19.91
CA ASN A 66 -0.21 -10.43 -19.80
C ASN A 66 1.20 -10.66 -19.29
N ILE A 67 1.36 -11.56 -18.30
CA ILE A 67 2.67 -11.78 -17.68
C ILE A 67 3.63 -12.39 -18.71
N ALA A 68 3.14 -13.28 -19.57
CA ALA A 68 4.01 -13.82 -20.62
C ALA A 68 4.51 -12.70 -21.55
N VAL A 69 3.60 -11.77 -21.91
CA VAL A 69 4.05 -10.62 -22.69
C VAL A 69 5.07 -9.80 -21.91
N ASP A 70 4.85 -9.64 -20.60
CA ASP A 70 5.72 -8.82 -19.78
C ASP A 70 7.11 -9.43 -19.71
N LYS A 71 7.20 -10.75 -19.56
CA LYS A 71 8.50 -11.43 -19.57
C LYS A 71 9.24 -11.15 -20.87
N ALA A 72 8.54 -11.31 -22.00
CA ALA A 72 9.22 -11.11 -23.28
C ALA A 72 9.69 -9.65 -23.43
N ASN A 73 8.87 -8.72 -22.93
CA ASN A 73 9.21 -7.30 -23.01
C ASN A 73 10.38 -6.95 -22.08
N LEU A 74 10.44 -7.59 -20.92
CA LEU A 74 11.59 -7.37 -20.07
C LEU A 74 12.87 -7.74 -20.79
N GLU A 75 12.86 -8.87 -21.50
CA GLU A 75 14.06 -9.27 -22.21
C GLU A 75 14.44 -8.24 -23.29
N ILE A 76 13.43 -7.74 -23.99
CA ILE A 76 13.66 -6.69 -24.98
C ILE A 76 14.31 -5.45 -24.33
N MET A 77 13.76 -4.97 -23.22
CA MET A 77 14.30 -3.78 -22.55
C MET A 77 15.68 -4.01 -21.94
N THR A 78 15.89 -5.19 -21.35
CA THR A 78 17.21 -5.52 -20.84
C THR A 78 18.25 -5.33 -21.95
N LYS A 79 17.98 -5.89 -23.15
CA LYS A 79 18.93 -5.74 -24.26
C LYS A 79 19.00 -4.29 -24.75
N ARG A 80 17.85 -3.62 -24.83
CA ARG A 80 17.82 -2.25 -25.36
C ARG A 80 18.59 -1.29 -24.48
N SER A 81 18.60 -1.54 -23.15
CA SER A 81 19.33 -0.72 -22.20
C SER A 81 20.80 -1.11 -22.13
N ASN A 82 21.25 -2.02 -23.00
CA ASN A 82 22.61 -2.59 -22.92
C ASN A 82 22.88 -3.18 -21.56
N TYR A 83 21.88 -3.90 -21.08
CA TYR A 83 22.03 -4.72 -19.89
C TYR A 83 22.29 -3.84 -18.66
N THR A 84 21.56 -2.73 -18.55
CA THR A 84 21.66 -1.92 -17.34
C THR A 84 20.81 -2.53 -16.23
N PRO A 85 21.40 -2.91 -15.11
CA PRO A 85 20.60 -3.56 -14.06
C PRO A 85 20.01 -2.52 -13.13
N ILE A 86 19.06 -2.98 -12.31
CA ILE A 86 18.43 -2.12 -11.32
C ILE A 86 19.42 -1.79 -10.21
N THR A 87 19.34 -0.57 -9.71
CA THR A 87 20.04 -0.22 -8.48
C THR A 87 19.18 -0.62 -7.27
N ASN A 88 19.76 -1.41 -6.36
CA ASN A 88 19.02 -1.84 -5.17
C ASN A 88 18.69 -0.62 -4.32
N VAL A 89 17.46 -0.56 -3.81
CA VAL A 89 17.09 0.43 -2.81
C VAL A 89 16.60 -0.33 -1.58
N PRO A 90 17.24 -0.20 -0.43
CA PRO A 90 16.89 -1.03 0.73
C PRO A 90 15.63 -0.52 1.39
N PRO A 91 14.92 -1.41 2.08
CA PRO A 91 13.66 -1.02 2.70
C PRO A 91 13.84 -0.25 3.99
N GLU A 92 12.80 0.52 4.30
CA GLU A 92 12.56 1.05 5.64
CA GLU A 92 12.59 1.04 5.64
C GLU A 92 11.56 0.13 6.32
N VAL A 93 11.86 -0.28 7.54
CA VAL A 93 11.02 -1.26 8.22
C VAL A 93 10.47 -0.68 9.51
N THR A 94 9.18 -0.88 9.73
CA THR A 94 8.50 -0.44 10.95
CA THR A 94 8.56 -0.46 10.98
C THR A 94 7.65 -1.58 11.49
N VAL A 95 7.56 -1.69 12.81
CA VAL A 95 6.69 -2.70 13.40
C VAL A 95 5.73 -1.99 14.33
N LEU A 96 4.45 -2.30 14.17
CA LEU A 96 3.45 -1.69 15.03
CA LEU A 96 3.43 -1.67 15.00
C LEU A 96 2.33 -2.69 15.24
N THR A 97 1.47 -2.42 16.20
CA THR A 97 0.32 -3.32 16.35
C THR A 97 -0.88 -2.70 15.65
N ASN A 98 -1.91 -3.50 15.43
CA ASN A 98 -3.06 -2.86 14.79
C ASN A 98 -4.01 -2.18 15.76
N SER A 99 -3.83 -2.36 17.06
CA SER A 99 -4.65 -1.71 18.06
C SER A 99 -3.82 -1.56 19.33
N PRO A 100 -4.23 -0.69 20.25
CA PRO A 100 -3.46 -0.51 21.48
C PRO A 100 -3.33 -1.84 22.22
N VAL A 101 -2.17 -2.05 22.81
CA VAL A 101 -1.86 -3.35 23.42
C VAL A 101 -2.44 -3.44 24.82
N GLU A 102 -3.17 -4.52 25.09
CA GLU A 102 -3.60 -4.87 26.43
C GLU A 102 -3.15 -6.30 26.71
N LEU A 103 -2.64 -6.49 27.93
CA LEU A 103 -2.15 -7.79 28.33
C LEU A 103 -3.22 -8.85 28.11
N ARG A 104 -2.85 -9.94 27.45
CA ARG A 104 -3.70 -11.13 27.27
C ARG A 104 -4.95 -10.83 26.44
N GLU A 105 -4.91 -9.81 25.61
CA GLU A 105 -6.02 -9.45 24.75
C GLU A 105 -5.50 -9.59 23.32
N PRO A 106 -6.05 -10.47 22.49
CA PRO A 106 -5.45 -10.72 21.17
C PRO A 106 -5.26 -9.46 20.32
N ASN A 107 -4.16 -9.45 19.59
CA ASN A 107 -3.77 -8.29 18.81
C ASN A 107 -3.03 -8.81 17.58
N VAL A 108 -2.55 -7.89 16.74
CA VAL A 108 -1.80 -8.28 15.56
C VAL A 108 -0.57 -7.39 15.43
N LEU A 109 0.61 -8.01 15.26
CA LEU A 109 1.81 -7.26 14.93
C LEU A 109 1.89 -7.14 13.41
N ILE A 110 2.19 -5.94 12.96
CA ILE A 110 2.36 -5.62 11.56
C ILE A 110 3.82 -5.22 11.31
N CYS A 111 4.43 -5.85 10.31
CA CYS A 111 5.76 -5.47 9.88
C CYS A 111 5.55 -4.82 8.53
N PHE A 112 5.81 -3.53 8.47
CA PHE A 112 5.66 -2.75 7.26
CA PHE A 112 5.66 -2.71 7.27
C PHE A 112 7.02 -2.57 6.64
N ILE A 113 7.18 -3.10 5.43
CA ILE A 113 8.43 -3.05 4.68
C ILE A 113 8.22 -2.13 3.48
N ASP A 114 8.94 -1.00 3.43
CA ASP A 114 8.54 0.11 2.54
C ASP A 114 9.75 0.60 1.77
N LYS A 115 9.46 1.16 0.57
CA LYS A 115 10.40 1.98 -0.18
CA LYS A 115 10.40 1.97 -0.20
C LYS A 115 11.61 1.16 -0.65
N PHE A 116 11.34 -0.01 -1.23
CA PHE A 116 12.47 -0.83 -1.67
C PHE A 116 12.27 -1.31 -3.09
N THR A 117 13.39 -1.70 -3.72
CA THR A 117 13.38 -2.41 -4.99
C THR A 117 14.74 -3.10 -5.14
N PRO A 118 14.80 -4.21 -5.87
CA PRO A 118 13.73 -4.93 -6.56
C PRO A 118 12.79 -5.66 -5.58
N PRO A 119 11.70 -6.19 -6.10
CA PRO A 119 10.68 -6.81 -5.23
C PRO A 119 11.01 -8.25 -4.89
N VAL A 120 12.08 -8.40 -4.09
CA VAL A 120 12.49 -9.69 -3.52
C VAL A 120 12.94 -9.35 -2.12
N VAL A 121 12.40 -10.04 -1.11
CA VAL A 121 12.76 -9.74 0.26
CA VAL A 121 12.74 -9.73 0.28
C VAL A 121 12.63 -11.02 1.05
N ASN A 122 13.35 -11.10 2.16
CA ASN A 122 13.20 -12.24 3.05
C ASN A 122 12.73 -11.66 4.36
N VAL A 123 11.62 -12.17 4.89
CA VAL A 123 11.03 -11.63 6.12
C VAL A 123 10.73 -12.79 7.06
N THR A 124 11.17 -12.65 8.31
CA THR A 124 10.88 -13.66 9.32
C THR A 124 10.39 -12.96 10.58
N TRP A 125 9.29 -13.45 11.20
CA TRP A 125 8.96 -13.02 12.56
C TRP A 125 9.72 -13.85 13.58
N LEU A 126 10.28 -13.18 14.60
CA LEU A 126 10.97 -13.86 15.68
C LEU A 126 10.29 -13.49 16.98
N ARG A 127 10.08 -14.49 17.82
CA ARG A 127 9.59 -14.25 19.17
C ARG A 127 10.66 -14.77 20.12
N ASN A 128 11.16 -13.91 21.00
CA ASN A 128 12.28 -14.28 21.87
C ASN A 128 13.43 -14.86 21.05
N GLY A 129 13.64 -14.30 19.87
CA GLY A 129 14.75 -14.70 18.99
C GLY A 129 14.54 -15.95 18.16
N LYS A 130 13.39 -16.64 18.28
CA LYS A 130 13.12 -17.86 17.53
C LYS A 130 12.06 -17.64 16.46
N PRO A 131 12.21 -18.21 15.26
CA PRO A 131 11.23 -17.96 14.20
C PRO A 131 9.86 -18.48 14.59
N VAL A 132 8.83 -17.68 14.25
CA VAL A 132 7.45 -18.01 14.55
C VAL A 132 6.64 -17.94 13.26
N THR A 133 5.88 -18.97 12.98
CA THR A 133 5.03 -18.96 11.80
C THR A 133 3.55 -19.20 12.07
N THR A 134 3.17 -19.56 13.29
CA THR A 134 1.77 -19.90 13.50
C THR A 134 0.86 -18.69 13.22
N GLY A 135 -0.04 -18.86 12.26
CA GLY A 135 -1.01 -17.82 11.99
C GLY A 135 -0.50 -16.61 11.25
N VAL A 136 0.76 -16.63 10.77
CA VAL A 136 1.31 -15.46 10.07
C VAL A 136 0.73 -15.40 8.67
N SER A 137 0.73 -14.19 8.11
CA SER A 137 0.32 -13.99 6.73
C SER A 137 1.08 -12.80 6.19
N GLU A 138 0.93 -12.57 4.88
CA GLU A 138 1.63 -11.46 4.24
C GLU A 138 0.92 -11.06 2.97
N THR A 139 1.33 -9.90 2.47
CA THR A 139 0.81 -9.41 1.20
C THR A 139 1.84 -9.66 0.11
N VAL A 140 1.38 -9.51 -1.13
CA VAL A 140 2.32 -9.45 -2.24
C VAL A 140 3.00 -8.08 -2.25
N PHE A 141 3.79 -7.79 -3.30
CA PHE A 141 4.51 -6.51 -3.35
C PHE A 141 3.58 -5.44 -3.91
N LEU A 142 3.42 -4.37 -3.15
CA LEU A 142 2.43 -3.39 -3.55
C LEU A 142 3.16 -2.18 -4.16
N PRO A 143 2.55 -1.56 -5.17
CA PRO A 143 3.24 -0.47 -5.87
C PRO A 143 3.27 0.83 -5.10
N ARG A 144 4.31 1.63 -5.37
CA ARG A 144 4.39 3.02 -4.93
C ARG A 144 4.57 3.93 -6.12
N GLU A 145 4.22 5.20 -5.89
CA GLU A 145 4.24 6.18 -6.96
C GLU A 145 5.67 6.46 -7.45
N ASP A 146 6.67 6.21 -6.59
CA ASP A 146 8.05 6.36 -7.02
C ASP A 146 8.59 5.07 -7.63
N HIS A 147 7.72 4.09 -7.85
CA HIS A 147 8.03 2.83 -8.53
C HIS A 147 8.82 1.87 -7.68
N LEU A 148 9.01 2.18 -6.40
CA LEU A 148 9.52 1.21 -5.43
C LEU A 148 8.30 0.40 -4.97
N PHE A 149 8.50 -0.41 -3.94
CA PHE A 149 7.47 -1.31 -3.47
C PHE A 149 7.30 -1.22 -1.97
N ARG A 150 6.14 -1.73 -1.52
CA ARG A 150 5.93 -1.93 -0.10
CA ARG A 150 5.89 -1.91 -0.09
C ARG A 150 5.25 -3.27 0.10
N LYS A 151 5.27 -3.73 1.36
CA LYS A 151 4.78 -5.06 1.67
C LYS A 151 4.45 -5.09 3.14
N PHE A 152 3.50 -5.94 3.50
CA PHE A 152 3.10 -6.10 4.90
C PHE A 152 3.15 -7.54 5.30
N HIS A 153 3.67 -7.79 6.51
CA HIS A 153 3.58 -9.10 7.14
C HIS A 153 2.87 -8.96 8.46
N TYR A 154 2.14 -10.01 8.84
CA TYR A 154 1.24 -9.96 10.00
C TYR A 154 1.49 -11.15 10.92
N LEU A 155 1.39 -10.89 12.22
CA LEU A 155 1.52 -11.94 13.24
C LEU A 155 0.51 -11.71 14.35
N PRO A 156 -0.56 -12.49 14.37
CA PRO A 156 -1.49 -12.47 15.52
C PRO A 156 -0.78 -12.93 16.78
N PHE A 157 -1.09 -12.27 17.90
CA PHE A 157 -0.36 -12.63 19.10
C PHE A 157 -1.19 -12.26 20.31
N LEU A 158 -0.79 -12.85 21.43
CA LEU A 158 -1.36 -12.54 22.73
C LEU A 158 -0.32 -11.72 23.50
N PRO A 159 -0.54 -10.44 23.73
CA PRO A 159 0.47 -9.63 24.45
C PRO A 159 0.80 -10.21 25.82
N SER A 160 2.08 -10.11 26.17
CA SER A 160 2.57 -10.68 27.40
C SER A 160 3.80 -9.86 27.81
N THR A 161 4.06 -9.79 29.11
CA THR A 161 5.27 -9.08 29.55
C THR A 161 6.55 -9.87 29.31
N GLU A 162 6.48 -11.16 29.01
CA GLU A 162 7.68 -11.99 28.91
C GLU A 162 8.11 -12.23 27.48
N ASP A 163 7.38 -11.75 26.49
CA ASP A 163 7.76 -12.01 25.10
C ASP A 163 8.26 -10.73 24.44
N VAL A 164 9.30 -10.85 23.61
CA VAL A 164 9.71 -9.75 22.77
C VAL A 164 9.69 -10.27 21.34
N TYR A 165 9.58 -9.34 20.39
CA TYR A 165 9.41 -9.73 19.00
C TYR A 165 10.37 -8.94 18.13
N ASP A 166 10.72 -9.55 17.01
CA ASP A 166 11.48 -8.86 15.98
C ASP A 166 10.95 -9.24 14.62
N CYS A 167 10.94 -8.28 13.72
CA CYS A 167 10.75 -8.56 12.29
C CYS A 167 12.13 -8.52 11.66
N ARG A 168 12.59 -9.66 11.12
CA ARG A 168 13.92 -9.77 10.51
C ARG A 168 13.74 -9.67 9.01
N VAL A 169 14.44 -8.70 8.39
CA VAL A 169 14.27 -8.40 6.96
C VAL A 169 15.63 -8.41 6.30
N GLU A 170 15.74 -9.16 5.19
CA GLU A 170 16.94 -9.11 4.36
C GLU A 170 16.54 -8.67 2.97
N HIS A 171 17.45 -7.90 2.35
CA HIS A 171 17.21 -7.37 0.99
C HIS A 171 18.57 -7.09 0.41
N TRP A 172 18.68 -7.13 -0.93
CA TRP A 172 19.98 -6.88 -1.57
C TRP A 172 20.54 -5.49 -1.28
N GLY A 173 19.69 -4.48 -0.98
CA GLY A 173 20.28 -3.21 -0.66
C GLY A 173 20.82 -3.06 0.74
N LEU A 174 20.68 -4.10 1.57
CA LEU A 174 21.16 -4.11 2.94
C LEU A 174 22.38 -5.02 3.02
N ASP A 175 23.35 -4.61 3.81
CA ASP A 175 24.58 -5.41 3.95
C ASP A 175 24.49 -6.42 5.10
N GLU A 176 23.49 -6.27 5.98
CA GLU A 176 23.25 -7.14 7.12
C GLU A 176 21.75 -7.23 7.28
N PRO A 177 21.26 -8.25 7.94
CA PRO A 177 19.84 -8.33 8.21
C PRO A 177 19.39 -7.16 9.09
N LEU A 178 18.20 -6.64 8.82
CA LEU A 178 17.65 -5.55 9.63
C LEU A 178 16.66 -6.18 10.58
N LEU A 179 16.84 -5.94 11.88
CA LEU A 179 15.97 -6.53 12.89
C LEU A 179 15.24 -5.36 13.53
N LYS A 180 13.92 -5.30 13.34
CA LYS A 180 13.11 -4.23 13.94
C LYS A 180 12.36 -4.80 15.13
N HIS A 181 12.58 -4.21 16.28
CA HIS A 181 12.21 -4.80 17.57
C HIS A 181 10.87 -4.26 18.05
N TRP A 182 10.17 -5.06 18.85
CA TRP A 182 8.92 -4.63 19.47
C TRP A 182 8.79 -5.37 20.78
N GLU A 183 8.37 -4.67 21.83
CA GLU A 183 8.06 -5.37 23.07
C GLU A 183 7.00 -4.58 23.81
N PHE A 184 6.28 -5.28 24.67
CA PHE A 184 5.17 -4.67 25.40
C PHE A 184 5.69 -3.53 26.26
N ASP A 185 5.15 -2.34 26.03
CA ASP A 185 5.52 -1.17 26.82
C ASP A 185 4.45 -0.93 27.90
N MET B 4 21.51 -12.69 2.33
CA MET B 4 20.82 -13.47 1.30
C MET B 4 21.63 -13.94 0.07
N GLY B 5 22.78 -13.33 -0.16
CA GLY B 5 23.57 -13.88 -1.29
C GLY B 5 22.91 -13.60 -2.65
N ASP B 6 23.50 -14.19 -3.68
CA ASP B 6 23.09 -14.04 -5.08
C ASP B 6 23.07 -12.58 -5.53
N THR B 7 24.26 -12.06 -5.83
CA THR B 7 24.38 -10.67 -6.27
C THR B 7 24.39 -10.54 -7.78
N ARG B 8 23.83 -11.51 -8.48
CA ARG B 8 23.65 -11.32 -9.93
C ARG B 8 22.83 -10.07 -10.19
N PRO B 9 23.11 -9.39 -11.29
CA PRO B 9 22.29 -8.22 -11.62
C PRO B 9 20.84 -8.60 -11.82
N ARG B 10 19.93 -7.69 -11.41
CA ARG B 10 18.50 -7.89 -11.63
C ARG B 10 17.95 -6.86 -12.64
N PHE B 11 16.89 -7.26 -13.31
CA PHE B 11 16.29 -6.40 -14.36
C PHE B 11 14.80 -6.50 -14.16
N LEU B 12 14.14 -5.33 -14.02
CA LEU B 12 12.74 -5.28 -13.62
C LEU B 12 11.93 -4.49 -14.65
N TRP B 13 10.76 -5.01 -14.99
CA TRP B 13 9.85 -4.31 -15.91
C TRP B 13 8.50 -4.24 -15.21
N GLN B 14 7.92 -3.03 -15.12
CA GLN B 14 6.66 -2.84 -14.42
C GLN B 14 5.72 -2.12 -15.38
N LEU B 15 4.44 -2.49 -15.30
CA LEU B 15 3.41 -1.82 -16.06
C LEU B 15 2.39 -1.34 -15.04
N LYS B 16 1.92 -0.12 -15.20
CA LYS B 16 0.87 0.41 -14.34
C LYS B 16 -0.19 1.04 -15.21
N PHE B 17 -1.39 0.55 -15.14
CA PHE B 17 -2.54 1.16 -15.83
C PHE B 17 -3.34 1.87 -14.75
N GLU B 18 -3.35 3.20 -14.75
CA GLU B 18 -3.90 3.96 -13.62
C GLU B 18 -5.17 4.64 -14.13
N CYS B 19 -6.29 4.43 -13.44
CA CYS B 19 -7.56 5.11 -13.73
C CYS B 19 -7.79 6.14 -12.64
N HIS B 20 -7.81 7.42 -13.00
CA HIS B 20 -7.99 8.48 -12.03
C HIS B 20 -9.40 9.05 -12.20
N PHE B 21 -10.18 9.08 -11.12
CA PHE B 21 -11.59 9.47 -11.15
C PHE B 21 -11.78 10.74 -10.37
N PHE B 22 -12.49 11.68 -10.96
CA PHE B 22 -12.82 12.97 -10.40
C PHE B 22 -14.33 13.13 -10.43
N ASN B 23 -14.90 13.47 -9.27
CA ASN B 23 -16.35 13.69 -9.11
C ASN B 23 -17.14 12.47 -9.58
N GLY B 24 -17.05 11.40 -8.78
CA GLY B 24 -17.60 10.12 -9.19
C GLY B 24 -16.84 9.66 -10.42
N THR B 25 -17.53 9.45 -11.55
CA THR B 25 -16.85 9.18 -12.82
C THR B 25 -17.11 10.30 -13.83
N GLU B 26 -17.40 11.50 -13.33
CA GLU B 26 -17.65 12.63 -14.23
C GLU B 26 -16.43 12.90 -15.11
N ARG B 27 -15.24 12.91 -14.51
CA ARG B 27 -14.02 13.07 -15.28
C ARG B 27 -13.12 11.89 -14.98
N VAL B 28 -12.56 11.29 -16.03
CA VAL B 28 -11.67 10.15 -15.90
C VAL B 28 -10.41 10.39 -16.72
N ARG B 29 -9.26 10.04 -16.13
CA ARG B 29 -7.99 10.10 -16.83
C ARG B 29 -7.32 8.76 -16.71
N LEU B 30 -6.98 8.16 -17.85
CA LEU B 30 -6.24 6.89 -17.86
C LEU B 30 -4.78 7.20 -18.15
N LEU B 31 -3.89 6.71 -17.32
CA LEU B 31 -2.47 6.90 -17.53
C LEU B 31 -1.86 5.50 -17.49
N GLU B 32 -1.37 5.03 -18.63
CA GLU B 32 -0.67 3.76 -18.76
C GLU B 32 0.84 4.05 -18.76
N ARG B 33 1.59 3.38 -17.88
CA ARG B 33 3.00 3.67 -17.70
C ARG B 33 3.80 2.39 -17.81
N CYS B 34 4.90 2.44 -18.53
CA CYS B 34 5.88 1.36 -18.61
C CYS B 34 7.13 1.82 -17.87
N ILE B 35 7.68 0.99 -16.99
CA ILE B 35 8.77 1.37 -16.10
C ILE B 35 9.84 0.29 -16.17
N TYR B 36 11.03 0.65 -16.61
CA TYR B 36 12.13 -0.30 -16.60
C TYR B 36 13.05 0.05 -15.43
N ASN B 37 13.30 -0.92 -14.55
CA ASN B 37 14.06 -0.69 -13.33
C ASN B 37 13.29 0.32 -12.47
N GLN B 38 13.80 1.52 -12.32
CA GLN B 38 13.02 2.49 -11.59
C GLN B 38 12.64 3.70 -12.43
N GLU B 39 12.72 3.58 -13.76
CA GLU B 39 12.50 4.73 -14.63
CA GLU B 39 12.55 4.73 -14.66
C GLU B 39 11.39 4.46 -15.62
N GLU B 40 10.35 5.30 -15.56
CA GLU B 40 9.30 5.25 -16.57
C GLU B 40 9.88 5.61 -17.94
N SER B 41 9.57 4.79 -18.94
CA SER B 41 10.10 4.98 -20.29
C SER B 41 9.09 5.49 -21.29
N VAL B 42 7.82 5.10 -21.15
CA VAL B 42 6.81 5.51 -22.13
C VAL B 42 5.45 5.44 -21.43
N ARG B 43 4.52 6.29 -21.86
CA ARG B 43 3.21 6.36 -21.25
C ARG B 43 2.16 6.69 -22.29
N PHE B 44 0.95 6.28 -22.01
CA PHE B 44 -0.23 6.76 -22.70
C PHE B 44 -1.06 7.52 -21.68
N ASP B 45 -1.30 8.79 -21.92
CA ASP B 45 -2.14 9.65 -21.12
C ASP B 45 -3.38 9.96 -21.94
N SER B 46 -4.55 9.59 -21.42
CA SER B 46 -5.76 9.81 -22.20
C SER B 46 -6.02 11.30 -22.41
N ASP B 47 -5.42 12.16 -21.59
CA ASP B 47 -5.60 13.59 -21.86
C ASP B 47 -4.74 14.06 -23.02
N VAL B 48 -3.78 13.25 -23.42
CA VAL B 48 -2.93 13.54 -24.58
C VAL B 48 -3.44 12.81 -25.81
N GLY B 49 -3.79 11.53 -25.65
CA GLY B 49 -4.46 10.77 -26.67
C GLY B 49 -3.55 9.93 -27.54
N GLU B 50 -2.25 9.90 -27.24
CA GLU B 50 -1.32 9.07 -27.97
C GLU B 50 -0.18 8.74 -27.02
N TYR B 51 0.62 7.75 -27.40
CA TYR B 51 1.77 7.39 -26.59
C TYR B 51 2.84 8.48 -26.67
N ARG B 52 3.56 8.67 -25.56
CA ARG B 52 4.71 9.57 -25.53
C ARG B 52 5.85 8.91 -24.79
N ALA B 53 7.03 8.96 -25.38
CA ALA B 53 8.23 8.53 -24.67
C ALA B 53 8.50 9.50 -23.54
N VAL B 54 8.90 8.95 -22.41
CA VAL B 54 9.30 9.71 -21.25
C VAL B 54 10.80 9.83 -21.17
N THR B 55 11.51 8.77 -21.55
CA THR B 55 12.97 8.75 -21.71
C THR B 55 13.31 8.21 -23.10
N GLU B 56 14.60 8.31 -23.48
CA GLU B 56 15.05 7.79 -24.77
C GLU B 56 14.68 6.34 -24.97
N LEU B 57 14.76 5.52 -23.89
CA LEU B 57 14.49 4.10 -24.03
C LEU B 57 13.07 3.83 -24.55
N GLY B 58 12.12 4.75 -24.28
CA GLY B 58 10.76 4.51 -24.70
C GLY B 58 10.43 5.00 -26.09
N ARG B 59 11.37 5.67 -26.76
CA ARG B 59 11.06 6.25 -28.06
CA ARG B 59 11.08 6.24 -28.08
C ARG B 59 10.58 5.23 -29.10
N PRO B 60 11.20 4.06 -29.26
CA PRO B 60 10.70 3.15 -30.32
C PRO B 60 9.32 2.59 -30.07
N ASP B 61 8.92 2.47 -28.79
CA ASP B 61 7.59 1.93 -28.47
C ASP B 61 6.50 2.94 -28.81
N ALA B 62 6.73 4.21 -28.45
CA ALA B 62 5.72 5.23 -28.77
C ALA B 62 5.57 5.38 -30.26
N GLU B 63 6.69 5.36 -31.01
CA GLU B 63 6.62 5.45 -32.46
C GLU B 63 5.86 4.26 -33.03
N TYR B 64 6.15 3.06 -32.56
CA TYR B 64 5.49 1.86 -33.08
C TYR B 64 4.00 1.84 -32.70
N TRP B 65 3.69 2.00 -31.42
CA TRP B 65 2.28 1.93 -31.00
C TRP B 65 1.44 3.04 -31.60
N ASN B 66 2.01 4.23 -31.77
CA ASN B 66 1.25 5.32 -32.40
C ASN B 66 0.93 5.06 -33.85
N SER B 67 1.61 4.12 -34.53
CA SER B 67 1.30 3.85 -35.93
C SER B 67 0.17 2.82 -36.08
N GLN B 68 -0.33 2.27 -34.97
CA GLN B 68 -1.34 1.21 -35.00
C GLN B 68 -2.69 1.85 -34.66
N LYS B 69 -3.53 2.03 -35.68
CA LYS B 69 -4.76 2.83 -35.52
C LYS B 69 -5.72 2.17 -34.55
N ASP B 70 -5.91 0.85 -34.65
CA ASP B 70 -6.90 0.16 -33.81
C ASP B 70 -6.49 0.22 -32.37
N LEU B 71 -5.19 0.02 -32.12
CA LEU B 71 -4.63 0.11 -30.78
C LEU B 71 -4.95 1.45 -30.15
N LEU B 72 -4.70 2.53 -30.88
CA LEU B 72 -4.98 3.87 -30.35
C LEU B 72 -6.47 4.06 -30.09
N GLU B 73 -7.31 3.55 -30.98
CA GLU B 73 -8.74 3.73 -30.75
C GLU B 73 -9.20 2.98 -29.51
N GLN B 74 -8.68 1.77 -29.29
CA GLN B 74 -9.03 1.06 -28.07
C GLN B 74 -8.52 1.80 -26.84
N ARG B 75 -7.29 2.30 -26.89
CA ARG B 75 -6.77 3.00 -25.72
C ARG B 75 -7.57 4.26 -25.45
N ARG B 76 -8.00 4.94 -26.51
CA ARG B 76 -8.77 6.17 -26.33
C ARG B 76 -10.14 5.90 -25.74
N ALA B 77 -10.75 4.76 -26.07
CA ALA B 77 -12.04 4.40 -25.50
C ALA B 77 -11.93 3.71 -24.15
N ALA B 78 -10.71 3.39 -23.71
CA ALA B 78 -10.57 2.66 -22.46
C ALA B 78 -11.04 3.45 -21.26
N VAL B 79 -11.13 4.79 -21.34
CA VAL B 79 -11.72 5.51 -20.21
C VAL B 79 -13.10 5.00 -19.92
N ASP B 80 -13.80 4.51 -20.95
CA ASP B 80 -15.14 3.95 -20.78
C ASP B 80 -15.09 2.45 -20.59
N THR B 81 -14.42 1.74 -21.51
CA THR B 81 -14.50 0.28 -21.47
C THR B 81 -13.70 -0.33 -20.33
N TYR B 82 -12.73 0.40 -19.77
CA TYR B 82 -11.88 -0.13 -18.72
C TYR B 82 -12.09 0.62 -17.42
N CYS B 83 -11.79 1.93 -17.38
CA CYS B 83 -11.83 2.68 -16.13
C CYS B 83 -13.26 2.76 -15.57
N ARG B 84 -14.18 3.33 -16.34
CA ARG B 84 -15.54 3.47 -15.81
C ARG B 84 -16.16 2.10 -15.56
N HIS B 85 -15.83 1.10 -16.40
CA HIS B 85 -16.31 -0.25 -16.15
C HIS B 85 -15.85 -0.78 -14.81
N ASN B 86 -14.55 -0.72 -14.57
CA ASN B 86 -14.02 -1.28 -13.33
C ASN B 86 -14.47 -0.50 -12.10
N TYR B 87 -14.62 0.83 -12.23
CA TYR B 87 -15.17 1.62 -11.14
C TYR B 87 -16.53 1.09 -10.73
N GLY B 88 -17.40 0.80 -11.73
CA GLY B 88 -18.74 0.34 -11.41
C GLY B 88 -18.73 -1.03 -10.75
N VAL B 89 -17.80 -1.90 -11.19
CA VAL B 89 -17.72 -3.25 -10.63
C VAL B 89 -17.54 -3.18 -9.12
N GLY B 90 -16.63 -2.32 -8.68
CA GLY B 90 -16.28 -2.34 -7.27
C GLY B 90 -16.85 -1.24 -6.41
N GLU B 91 -17.61 -0.29 -6.98
CA GLU B 91 -18.08 0.86 -6.24
C GLU B 91 -18.66 0.53 -4.87
N SER B 92 -19.54 -0.47 -4.80
CA SER B 92 -20.27 -0.64 -3.56
CA SER B 92 -20.30 -0.69 -3.58
C SER B 92 -19.40 -1.08 -2.41
N PHE B 93 -18.25 -1.70 -2.68
CA PHE B 93 -17.42 -2.21 -1.60
C PHE B 93 -16.06 -1.55 -1.50
N THR B 94 -15.81 -0.51 -2.30
CA THR B 94 -14.54 0.23 -2.24
C THR B 94 -14.85 1.71 -1.98
N VAL B 95 -15.34 2.37 -3.04
CA VAL B 95 -15.76 3.77 -2.93
C VAL B 95 -16.70 3.96 -1.75
N GLN B 96 -17.64 3.03 -1.56
CA GLN B 96 -18.67 3.16 -0.54
C GLN B 96 -18.35 2.44 0.77
N ARG B 97 -17.15 1.87 0.91
CA ARG B 97 -16.80 1.20 2.17
C ARG B 97 -16.59 2.23 3.25
N ARG B 98 -17.20 2.00 4.41
CA ARG B 98 -17.11 2.93 5.53
CA ARG B 98 -17.03 2.92 5.53
C ARG B 98 -16.97 2.08 6.78
N VAL B 99 -15.86 2.17 7.49
CA VAL B 99 -15.63 1.41 8.70
C VAL B 99 -15.28 2.43 9.79
N GLU B 100 -16.08 2.44 10.88
CA GLU B 100 -15.96 3.42 11.95
C GLU B 100 -14.71 3.20 12.79
N PRO B 101 -13.97 4.26 13.10
CA PRO B 101 -12.82 4.11 14.01
C PRO B 101 -13.23 3.71 15.42
N LYS B 102 -12.34 2.96 16.03
CA LYS B 102 -12.38 2.74 17.46
CA LYS B 102 -12.35 2.73 17.46
C LYS B 102 -11.42 3.76 18.08
N VAL B 103 -11.91 4.52 19.06
CA VAL B 103 -11.13 5.62 19.61
C VAL B 103 -10.93 5.34 21.07
N THR B 104 -9.68 5.38 21.53
CA THR B 104 -9.44 5.23 22.95
C THR B 104 -8.43 6.28 23.38
N VAL B 105 -8.53 6.69 24.61
CA VAL B 105 -7.60 7.63 25.19
C VAL B 105 -6.97 7.02 26.42
N TYR B 106 -5.66 7.20 26.54
CA TYR B 106 -4.96 6.68 27.70
C TYR B 106 -3.70 7.51 27.94
N PRO B 107 -3.28 7.70 29.18
CA PRO B 107 -1.94 8.26 29.41
C PRO B 107 -0.89 7.27 28.92
N SER B 108 0.15 7.80 28.29
CA SER B 108 1.26 6.98 27.83
C SER B 108 1.84 6.19 28.98
N LYS B 109 2.17 4.93 28.70
CA LYS B 109 2.84 4.10 29.70
C LYS B 109 4.12 4.74 30.19
N THR B 110 4.83 5.44 29.31
CA THR B 110 6.05 6.14 29.69
C THR B 110 5.83 7.66 29.75
N GLN B 111 6.16 8.24 30.88
CA GLN B 111 5.86 9.64 31.14
C GLN B 111 7.16 10.41 31.24
N PRO B 112 7.61 11.04 30.16
CA PRO B 112 8.96 11.63 30.17
C PRO B 112 9.17 12.73 31.22
N LEU B 113 8.14 13.51 31.59
CA LEU B 113 8.32 14.69 32.43
C LEU B 113 7.39 14.71 33.64
N GLN B 114 7.93 15.06 34.80
CA GLN B 114 7.11 15.17 35.99
C GLN B 114 6.17 16.36 35.88
N HIS B 115 4.98 16.22 36.45
CA HIS B 115 3.93 17.23 36.40
C HIS B 115 3.33 17.40 35.01
N HIS B 116 3.76 16.59 34.04
CA HIS B 116 3.23 16.58 32.69
C HIS B 116 2.59 15.21 32.50
N ASN B 117 1.58 15.13 31.69
CA ASN B 117 0.94 13.86 31.37
C ASN B 117 0.83 13.79 29.86
N LEU B 118 1.57 12.87 29.26
CA LEU B 118 1.46 12.63 27.83
C LEU B 118 0.21 11.79 27.59
N LEU B 119 -0.78 12.36 26.91
CA LEU B 119 -2.00 11.62 26.64
C LEU B 119 -1.96 11.13 25.21
N VAL B 120 -2.50 9.95 24.97
CA VAL B 120 -2.52 9.35 23.65
C VAL B 120 -3.97 9.15 23.25
N CYS B 121 -4.34 9.61 22.05
CA CYS B 121 -5.62 9.29 21.43
C CYS B 121 -5.35 8.31 20.27
N SER B 122 -5.79 7.05 20.43
CA SER B 122 -5.55 6.00 19.44
C SER B 122 -6.83 5.89 18.63
N VAL B 123 -6.74 6.00 17.31
CA VAL B 123 -7.86 5.93 16.40
C VAL B 123 -7.57 4.78 15.45
N SER B 124 -8.30 3.68 15.56
CA SER B 124 -7.87 2.49 14.83
C SER B 124 -9.02 1.84 14.05
N GLY B 125 -8.61 1.08 13.03
CA GLY B 125 -9.53 0.20 12.34
C GLY B 125 -10.44 0.86 11.33
N PHE B 126 -10.16 2.06 10.90
CA PHE B 126 -11.15 2.79 10.11
C PHE B 126 -10.89 2.74 8.61
N TYR B 127 -11.91 3.13 7.85
CA TYR B 127 -11.78 3.25 6.40
C TYR B 127 -12.90 4.18 5.95
N PRO B 128 -12.69 5.11 5.02
CA PRO B 128 -11.45 5.36 4.26
C PRO B 128 -10.45 6.16 5.08
N GLY B 129 -9.34 6.54 4.45
CA GLY B 129 -8.25 7.18 5.19
C GLY B 129 -8.50 8.61 5.63
N SER B 130 -9.42 9.32 4.99
CA SER B 130 -9.71 10.73 5.30
C SER B 130 -10.26 10.84 6.72
N ILE B 131 -9.54 11.53 7.59
CA ILE B 131 -9.95 11.60 9.00
C ILE B 131 -9.37 12.89 9.57
N GLU B 132 -10.02 13.43 10.61
CA GLU B 132 -9.45 14.59 11.31
C GLU B 132 -9.56 14.30 12.79
N VAL B 133 -8.47 14.48 13.53
CA VAL B 133 -8.39 14.15 14.94
C VAL B 133 -7.88 15.41 15.65
N ARG B 134 -8.64 15.88 16.63
CA ARG B 134 -8.31 17.10 17.35
C ARG B 134 -8.29 16.82 18.85
N TRP B 135 -7.46 17.58 19.57
CA TRP B 135 -7.52 17.60 21.03
C TRP B 135 -8.08 18.94 21.46
N PHE B 136 -8.88 18.89 22.53
CA PHE B 136 -9.44 20.09 23.17
C PHE B 136 -9.08 20.07 24.66
N ARG B 137 -8.86 21.24 25.23
CA ARG B 137 -8.65 21.42 26.65
C ARG B 137 -9.76 22.33 27.12
N ASN B 138 -10.62 21.82 27.99
CA ASN B 138 -11.81 22.54 28.43
C ASN B 138 -12.59 23.09 27.25
N GLY B 139 -12.79 22.27 26.25
CA GLY B 139 -13.58 22.76 25.12
C GLY B 139 -12.85 23.66 24.14
N GLN B 140 -11.60 24.05 24.39
CA GLN B 140 -10.84 24.92 23.46
C GLN B 140 -9.78 24.13 22.73
N GLU B 141 -9.75 24.25 21.40
CA GLU B 141 -8.93 23.36 20.61
C GLU B 141 -7.44 23.64 20.89
N GLU B 142 -6.70 22.56 21.08
CA GLU B 142 -5.24 22.64 21.27
C GLU B 142 -4.58 22.69 19.90
N LYS B 143 -4.07 23.85 19.53
CA LYS B 143 -3.41 24.04 18.24
C LYS B 143 -1.91 24.13 18.39
N ALA B 144 -1.38 23.88 19.60
CA ALA B 144 0.06 23.70 19.83
C ALA B 144 0.28 22.50 20.74
N GLY B 145 1.46 21.88 20.61
CA GLY B 145 1.78 20.79 21.52
C GLY B 145 1.25 19.44 21.09
N VAL B 146 0.67 19.33 19.92
CA VAL B 146 0.07 18.08 19.52
C VAL B 146 1.00 17.38 18.54
N VAL B 147 1.18 16.06 18.69
CA VAL B 147 1.98 15.26 17.77
C VAL B 147 1.05 14.24 17.13
N SER B 148 1.12 14.07 15.80
CA SER B 148 0.33 13.02 15.17
C SER B 148 1.27 12.09 14.42
N THR B 149 1.02 10.78 14.50
CA THR B 149 1.76 9.80 13.70
C THR B 149 1.42 9.91 12.23
N GLY B 150 0.41 10.66 11.89
CA GLY B 150 -0.07 10.68 10.53
C GLY B 150 -0.88 9.41 10.26
N LEU B 151 -1.31 9.32 9.03
CA LEU B 151 -2.19 8.24 8.62
C LEU B 151 -1.37 7.00 8.29
N ILE B 152 -1.69 5.90 8.96
CA ILE B 152 -0.98 4.65 8.78
C ILE B 152 -1.91 3.67 8.07
N GLN B 153 -1.54 3.22 6.88
CA GLN B 153 -2.35 2.26 6.15
C GLN B 153 -1.88 0.88 6.61
N ASN B 154 -2.80 0.03 7.14
CA ASN B 154 -2.43 -1.28 7.72
C ASN B 154 -2.29 -2.37 6.68
N GLY B 155 -2.70 -2.09 5.43
CA GLY B 155 -2.53 -3.05 4.35
C GLY B 155 -3.72 -3.96 4.15
N ASP B 156 -4.72 -3.88 5.01
CA ASP B 156 -5.88 -4.75 5.02
C ASP B 156 -7.17 -3.99 4.92
N TRP B 157 -7.16 -2.84 4.21
CA TRP B 157 -8.36 -1.99 4.05
C TRP B 157 -8.80 -1.38 5.38
N THR B 158 -7.83 -1.11 6.25
CA THR B 158 -8.09 -0.31 7.44
C THR B 158 -6.87 0.58 7.65
N PHE B 159 -7.09 1.66 8.40
CA PHE B 159 -6.05 2.63 8.77
C PHE B 159 -6.02 2.80 10.28
N GLN B 160 -4.95 3.42 10.76
CA GLN B 160 -4.91 3.85 12.14
C GLN B 160 -4.14 5.16 12.21
N THR B 161 -4.29 5.83 13.34
CA THR B 161 -3.47 6.99 13.63
C THR B 161 -3.42 7.17 15.14
N LEU B 162 -2.37 7.80 15.63
CA LEU B 162 -2.22 8.06 17.07
C LEU B 162 -1.93 9.55 17.17
N VAL B 163 -2.66 10.25 18.04
CA VAL B 163 -2.45 11.68 18.23
C VAL B 163 -2.22 11.96 19.70
N MET B 164 -1.08 12.57 20.02
CA MET B 164 -0.60 12.66 21.39
C MET B 164 -0.53 14.12 21.80
N LEU B 165 -0.81 14.36 23.08
CA LEU B 165 -0.81 15.72 23.60
C LEU B 165 -0.04 15.75 24.89
N GLU B 166 0.95 16.62 24.99
CA GLU B 166 1.62 16.80 26.26
CA GLU B 166 1.63 16.80 26.27
C GLU B 166 0.82 17.82 27.04
N THR B 167 0.31 17.42 28.18
CA THR B 167 -0.41 18.35 29.01
C THR B 167 0.43 18.62 30.25
N VAL B 168 0.19 19.77 30.87
CA VAL B 168 0.50 19.95 32.28
C VAL B 168 -0.87 20.13 32.92
N PRO B 169 -1.51 19.04 33.34
CA PRO B 169 -2.93 19.15 33.74
C PRO B 169 -3.10 19.64 35.17
N ARG B 170 -4.23 20.30 35.38
CA ARG B 170 -4.69 20.66 36.71
C ARG B 170 -5.96 19.86 37.01
N SER B 171 -6.15 19.42 38.25
CA SER B 171 -7.41 18.76 38.62
C SER B 171 -8.60 19.64 38.22
N GLY B 172 -9.62 19.01 37.65
CA GLY B 172 -10.75 19.73 37.15
C GLY B 172 -10.71 19.93 35.64
N GLU B 173 -9.51 19.96 35.04
CA GLU B 173 -9.44 20.11 33.59
C GLU B 173 -9.98 18.91 32.85
N VAL B 174 -10.55 19.16 31.67
CA VAL B 174 -11.18 18.12 30.86
C VAL B 174 -10.55 18.17 29.48
N TYR B 175 -9.90 17.08 29.06
CA TYR B 175 -9.30 16.99 27.75
C TYR B 175 -10.15 16.08 26.90
N THR B 176 -10.37 16.44 25.63
CA THR B 176 -11.22 15.67 24.74
C THR B 176 -10.48 15.36 23.46
N CYS B 177 -10.46 14.10 23.05
CA CYS B 177 -10.03 13.74 21.71
C CYS B 177 -11.29 13.64 20.86
N GLN B 178 -11.29 14.31 19.71
CA GLN B 178 -12.45 14.37 18.83
C GLN B 178 -12.06 13.87 17.45
N VAL B 179 -12.84 12.95 16.90
CA VAL B 179 -12.55 12.33 15.62
C VAL B 179 -13.71 12.59 14.67
N GLU B 180 -13.39 13.05 13.48
CA GLU B 180 -14.36 13.24 12.42
C GLU B 180 -13.95 12.37 11.23
N HIS B 181 -14.93 11.65 10.68
CA HIS B 181 -14.62 10.61 9.71
C HIS B 181 -15.90 10.36 8.91
N PRO B 182 -15.81 9.95 7.63
CA PRO B 182 -17.04 9.79 6.84
C PRO B 182 -18.01 8.73 7.36
N SER B 183 -17.57 7.82 8.24
CA SER B 183 -18.43 6.77 8.76
C SER B 183 -19.38 7.27 9.83
N VAL B 184 -19.17 8.47 10.37
CA VAL B 184 -20.06 9.00 11.42
C VAL B 184 -20.59 10.37 11.03
N THR B 185 -21.83 10.64 11.43
CA THR B 185 -22.44 11.91 11.07
C THR B 185 -22.10 13.01 12.08
N SER B 186 -21.81 12.67 13.33
CA SER B 186 -21.41 13.65 14.33
C SER B 186 -20.05 13.22 14.84
N PRO B 187 -19.23 14.14 15.33
CA PRO B 187 -17.90 13.74 15.77
C PRO B 187 -17.94 12.74 16.94
N LEU B 188 -16.99 11.82 16.92
CA LEU B 188 -16.78 10.94 18.08
C LEU B 188 -15.88 11.66 19.07
N THR B 189 -16.18 11.54 20.36
CA THR B 189 -15.35 12.18 21.37
C THR B 189 -15.10 11.21 22.51
N VAL B 190 -13.90 11.27 23.04
CA VAL B 190 -13.53 10.51 24.22
C VAL B 190 -12.84 11.49 25.13
N GLU B 191 -13.20 11.51 26.38
CA GLU B 191 -12.77 12.48 27.35
C GLU B 191 -11.79 11.86 28.34
N TRP B 192 -10.86 12.69 28.82
CA TRP B 192 -9.97 12.36 29.91
CA TRP B 192 -9.97 12.35 29.92
C TRP B 192 -10.12 13.46 30.94
N ARG B 193 -10.50 13.10 32.15
CA ARG B 193 -10.71 14.08 33.22
C ARG B 193 -9.50 14.06 34.11
N ALA B 194 -8.74 15.14 34.12
CA ALA B 194 -7.59 15.30 35.02
C ALA B 194 -7.95 15.38 36.50
N PRO C 1 -20.41 -9.01 -12.19
CA PRO C 1 -19.47 -7.89 -12.25
C PRO C 1 -18.06 -8.44 -12.34
N LYS C 2 -17.47 -8.18 -13.49
CA LYS C 2 -16.17 -8.73 -13.84
C LYS C 2 -15.20 -7.58 -14.03
N TYR C 3 -14.07 -7.61 -13.31
CA TYR C 3 -13.00 -6.68 -13.59
C TYR C 3 -12.44 -7.02 -14.96
N VAL C 4 -12.14 -6.01 -15.73
CA VAL C 4 -11.50 -6.20 -17.03
C VAL C 4 -10.08 -5.66 -16.96
N LYS C 5 -9.15 -6.34 -17.61
CA LYS C 5 -7.79 -5.84 -17.64
C LYS C 5 -7.50 -5.11 -18.96
N GLN C 6 -6.49 -4.26 -18.91
CA GLN C 6 -5.90 -3.81 -20.16
C GLN C 6 -4.83 -4.82 -20.58
N ASN C 7 -4.80 -5.11 -21.89
CA ASN C 7 -3.78 -6.04 -22.41
C ASN C 7 -2.45 -5.32 -22.48
N THR C 8 -1.38 -6.01 -22.12
CA THR C 8 -0.05 -5.44 -22.34
C THR C 8 0.37 -5.64 -23.79
N LEU C 9 0.95 -4.59 -24.36
CA LEU C 9 1.39 -4.59 -25.73
C LEU C 9 2.80 -5.12 -25.86
N LYS C 10 3.10 -5.76 -26.99
CA LYS C 10 4.48 -6.09 -27.32
C LYS C 10 5.28 -4.84 -27.64
N LEU C 11 6.47 -4.72 -27.06
CA LEU C 11 7.37 -3.61 -27.35
C LEU C 11 7.92 -3.70 -28.77
N ALA C 12 8.44 -2.57 -29.25
CA ALA C 12 9.08 -2.52 -30.56
C ALA C 12 10.32 -3.42 -30.53
N ARG C 13 10.51 -4.16 -31.62
CA ARG C 13 11.67 -5.02 -31.76
C ARG C 13 12.52 -4.44 -32.87
#